data_5M0K
#
_entry.id   5M0K
#
_cell.length_a   141.151
_cell.length_b   122.879
_cell.length_c   40.904
_cell.angle_alpha   90.00
_cell.angle_beta   92.52
_cell.angle_gamma   90.00
#
_symmetry.space_group_name_H-M   'C 1 2 1'
#
loop_
_entity.id
_entity.type
_entity.pdbx_description
1 polymer Beta-xylanase
2 water water
#
_entity_poly.entity_id   1
_entity_poly.type   'polypeptide(L)'
_entity_poly.pdbx_seq_one_letter_code
;MITTSPRHRRARRVVSLLTTAGLVATAAVALAAPAHAGTTLGQSAAERGRYFGVAIAAGRMNDGTYMGIVDREFDSIVAE
NEMKMDATEPNRNQFNFSNGDRIVNYALGKGKKVRGHTLAWHAQQPGWMQNMSGQSLRDALLNHVSRVASYYRGKIHSWD
VVNEAFADDGRGSRRDSNLQRTGNDWIEAAFRAARSADPGAKLCYNDYNTDGVNAKSTGVYNMVRDFKARGVPIDCVGFQ
SHLGTTVPSDYQANLQRFADLGVDVQITELDIQQGSNQANAYRQVVQACLAVSRCTGITVWGVRDTDSWRTGANPLLFDG
SGNKKAAYAAVLEALNAGGGNGGGNNGGGSSSVDTNAWYV
;
_entity_poly.pdbx_strand_id   A,B
#
# COMPACT_ATOMS: atom_id res chain seq x y z
N THR A 39 12.87 -28.97 15.89
CA THR A 39 13.09 -27.53 16.03
C THR A 39 12.19 -26.64 15.18
N THR A 40 12.39 -25.36 15.40
CA THR A 40 11.78 -24.24 14.72
C THR A 40 12.90 -23.39 14.12
N LEU A 41 12.51 -22.43 13.28
CA LEU A 41 13.51 -21.50 12.73
C LEU A 41 14.22 -20.75 13.84
N GLY A 42 13.45 -20.22 14.79
CA GLY A 42 14.01 -19.36 15.81
C GLY A 42 14.93 -20.10 16.76
N GLN A 43 14.50 -21.29 17.21
CA GLN A 43 15.35 -22.11 18.06
C GLN A 43 16.70 -22.34 17.40
N SER A 44 16.68 -22.88 16.17
CA SER A 44 17.92 -23.31 15.56
C SER A 44 18.71 -22.15 14.95
N ALA A 45 18.14 -20.95 14.88
CA ALA A 45 18.92 -19.77 14.53
C ALA A 45 19.58 -19.15 15.75
N ALA A 46 18.94 -19.28 16.93
CA ALA A 46 19.57 -18.89 18.18
C ALA A 46 20.82 -19.72 18.43
N GLU A 47 20.72 -21.05 18.37
CA GLU A 47 21.87 -21.94 18.50
C GLU A 47 23.01 -21.60 17.55
N ARG A 48 22.83 -20.66 16.63
CA ARG A 48 23.91 -20.11 15.84
C ARG A 48 24.21 -18.65 16.23
N GLY A 49 23.65 -18.18 17.34
CA GLY A 49 23.87 -16.81 17.76
C GLY A 49 23.10 -15.79 16.94
N ARG A 50 21.95 -16.18 16.39
CA ARG A 50 21.23 -15.31 15.46
C ARG A 50 19.74 -15.38 15.73
N TYR A 51 18.99 -14.42 15.18
CA TYR A 51 17.54 -14.42 15.28
C TYR A 51 16.93 -14.73 13.92
N PHE A 52 15.72 -15.31 13.93
CA PHE A 52 14.93 -15.45 12.72
C PHE A 52 13.59 -14.77 12.93
N GLY A 53 13.36 -13.65 12.23
CA GLY A 53 12.21 -12.82 12.45
C GLY A 53 11.21 -12.87 11.30
N VAL A 54 10.01 -12.33 11.60
CA VAL A 54 8.89 -12.27 10.66
C VAL A 54 8.23 -10.91 10.79
N ALA A 55 7.72 -10.41 9.67
CA ALA A 55 6.92 -9.20 9.65
C ALA A 55 5.45 -9.57 9.75
N ILE A 56 4.74 -8.92 10.66
CA ILE A 56 3.32 -9.20 10.88
C ILE A 56 2.53 -7.92 10.73
N ALA A 57 1.23 -8.10 10.54
CA ALA A 57 0.26 -7.02 10.41
C ALA A 57 -0.82 -7.21 11.48
N ALA A 58 -1.15 -6.13 12.19
CA ALA A 58 -2.17 -6.23 13.23
C ALA A 58 -3.43 -6.91 12.69
N GLY A 59 -3.87 -6.50 11.50
CA GLY A 59 -5.05 -7.06 10.88
C GLY A 59 -5.23 -8.56 10.99
N ARG A 60 -4.14 -9.31 10.91
CA ARG A 60 -4.20 -10.76 10.93
C ARG A 60 -4.08 -11.33 12.32
N MET A 61 -3.92 -10.48 13.33
CA MET A 61 -3.65 -11.08 14.62
C MET A 61 -4.85 -11.81 15.22
N ASN A 62 -6.02 -11.79 14.58
CA ASN A 62 -7.09 -12.69 15.02
C ASN A 62 -7.09 -14.02 14.27
N ASP A 63 -6.28 -14.17 13.22
CA ASP A 63 -6.23 -15.42 12.45
C ASP A 63 -5.49 -16.48 13.25
N GLY A 64 -6.23 -17.52 13.67
CA GLY A 64 -5.68 -18.51 14.58
C GLY A 64 -4.43 -19.19 14.06
N THR A 65 -4.47 -19.67 12.81
CA THR A 65 -3.33 -20.42 12.29
C THR A 65 -2.15 -19.50 12.02
N TYR A 66 -2.42 -18.27 11.59
CA TYR A 66 -1.37 -17.26 11.42
C TYR A 66 -0.65 -16.98 12.73
N MET A 67 -1.41 -16.62 13.77
CA MET A 67 -0.80 -16.31 15.06
C MET A 67 -0.04 -17.50 15.64
N GLY A 68 -0.46 -18.72 15.31
CA GLY A 68 0.26 -19.90 15.75
C GLY A 68 1.66 -19.97 15.16
N ILE A 69 1.76 -19.88 13.83
CA ILE A 69 3.07 -19.96 13.19
C ILE A 69 4.00 -18.91 13.76
N VAL A 70 3.47 -17.72 14.06
CA VAL A 70 4.30 -16.65 14.60
C VAL A 70 4.72 -16.95 16.04
N ASP A 71 3.82 -17.54 16.84
CA ASP A 71 4.17 -17.88 18.22
C ASP A 71 5.38 -18.78 18.27
N ARG A 72 5.66 -19.52 17.21
CA ARG A 72 6.56 -20.65 17.39
C ARG A 72 7.84 -20.54 16.60
N GLU A 73 7.73 -20.05 15.37
CA GLU A 73 8.84 -20.15 14.44
C GLU A 73 9.80 -18.97 14.53
N PHE A 74 9.38 -17.82 15.05
CA PHE A 74 10.19 -16.61 14.99
C PHE A 74 10.43 -16.05 16.40
N ASP A 75 11.65 -15.55 16.61
CA ASP A 75 12.02 -14.86 17.84
C ASP A 75 12.33 -13.39 17.58
N SER A 76 11.79 -12.83 16.50
CA SER A 76 11.90 -11.40 16.25
C SER A 76 10.67 -11.00 15.44
N ILE A 77 10.23 -9.74 15.62
CA ILE A 77 8.98 -9.25 15.05
C ILE A 77 9.19 -7.83 14.52
N VAL A 78 8.70 -7.57 13.31
CA VAL A 78 8.54 -6.22 12.79
C VAL A 78 7.04 -5.98 12.63
N ALA A 79 6.67 -4.70 12.63
CA ALA A 79 5.34 -4.32 12.17
C ALA A 79 5.45 -4.06 10.69
N GLU A 80 4.50 -4.59 9.91
CA GLU A 80 4.54 -4.39 8.47
C GLU A 80 4.18 -2.95 8.08
N ASN A 81 3.34 -2.27 8.87
CA ASN A 81 2.90 -0.92 8.55
C ASN A 81 2.62 -0.04 9.78
N GLU A 82 2.44 -0.66 10.95
CA GLU A 82 1.91 0.05 12.11
C GLU A 82 2.92 0.98 12.77
N MET A 83 4.20 0.97 12.37
CA MET A 83 5.17 1.87 12.98
C MET A 83 5.78 2.88 12.01
N LYS A 84 5.35 2.92 10.75
CA LYS A 84 5.80 3.91 9.78
C LYS A 84 5.33 5.31 10.16
N MET A 85 5.81 6.32 9.43
CA MET A 85 5.56 7.71 9.84
C MET A 85 4.07 8.06 9.82
N ASP A 86 3.38 7.70 8.75
CA ASP A 86 1.95 8.01 8.67
C ASP A 86 1.15 7.26 9.73
N ALA A 87 1.60 6.08 10.15
CA ALA A 87 0.88 5.33 11.17
C ALA A 87 1.02 5.99 12.54
N THR A 88 2.17 6.56 12.85
CA THR A 88 2.47 7.00 14.21
C THR A 88 2.29 8.49 14.45
N GLU A 89 2.29 9.34 13.43
CA GLU A 89 2.10 10.78 13.61
C GLU A 89 1.11 11.31 12.56
N PRO A 90 -0.19 10.98 12.72
CA PRO A 90 -1.17 11.39 11.70
C PRO A 90 -1.22 12.88 11.47
N ASN A 91 -1.01 13.69 12.52
CA ASN A 91 -0.99 15.14 12.38
C ASN A 91 0.21 15.71 13.10
N ARG A 92 0.59 16.91 12.72
CA ARG A 92 1.84 17.49 13.20
C ARG A 92 1.93 17.43 14.72
N ASN A 93 3.02 16.86 15.22
CA ASN A 93 3.33 16.83 16.65
C ASN A 93 2.26 16.12 17.46
N GLN A 94 1.58 15.13 16.87
CA GLN A 94 0.47 14.46 17.55
C GLN A 94 0.43 13.00 17.16
N PHE A 95 0.62 12.12 18.13
CA PHE A 95 1.08 10.74 17.92
C PHE A 95 0.04 9.73 18.36
N ASN A 96 -0.18 8.70 17.54
CA ASN A 96 -0.94 7.54 17.96
C ASN A 96 -0.09 6.29 17.74
N PHE A 97 0.22 5.59 18.83
CA PHE A 97 0.99 4.35 18.81
C PHE A 97 0.10 3.13 19.02
N SER A 98 -1.20 3.29 18.81
CA SER A 98 -2.16 2.29 19.26
C SER A 98 -1.92 0.96 18.57
N ASN A 99 -1.90 0.94 17.24
CA ASN A 99 -1.72 -0.33 16.54
C ASN A 99 -0.29 -0.85 16.63
N GLY A 100 0.71 0.04 16.53
CA GLY A 100 2.09 -0.38 16.77
C GLY A 100 2.29 -1.06 18.11
N ASP A 101 1.63 -0.55 19.16
CA ASP A 101 1.79 -1.16 20.48
C ASP A 101 1.23 -2.58 20.48
N ARG A 102 0.13 -2.81 19.77
CA ARG A 102 -0.45 -4.15 19.77
C ARG A 102 0.55 -5.16 19.22
N ILE A 103 1.41 -4.73 18.30
CA ILE A 103 2.43 -5.63 17.77
C ILE A 103 3.61 -5.73 18.73
N VAL A 104 4.10 -4.58 19.22
CA VAL A 104 5.23 -4.58 20.15
C VAL A 104 4.90 -5.38 21.40
N ASN A 105 3.75 -5.11 22.03
CA ASN A 105 3.46 -5.80 23.28
C ASN A 105 3.20 -7.28 23.05
N TYR A 106 2.63 -7.67 21.91
CA TYR A 106 2.53 -9.10 21.62
C TYR A 106 3.93 -9.71 21.54
N ALA A 107 4.86 -8.97 20.97
CA ALA A 107 6.21 -9.50 20.80
C ALA A 107 6.86 -9.70 22.16
N LEU A 108 6.83 -8.68 23.01
CA LEU A 108 7.46 -8.78 24.32
C LEU A 108 6.78 -9.83 25.18
N GLY A 109 5.45 -9.90 25.11
CA GLY A 109 4.71 -10.85 25.94
C GLY A 109 5.08 -12.29 25.68
N LYS A 110 5.42 -12.63 24.42
CA LYS A 110 5.81 -13.97 24.01
C LYS A 110 7.32 -14.12 23.91
N GLY A 111 8.09 -13.17 24.45
CA GLY A 111 9.51 -13.34 24.61
C GLY A 111 10.34 -13.06 23.40
N LYS A 112 9.79 -12.36 22.41
CA LYS A 112 10.43 -12.16 21.13
C LYS A 112 11.05 -10.76 21.04
N LYS A 113 12.15 -10.68 20.31
CA LYS A 113 12.75 -9.40 19.95
C LYS A 113 11.80 -8.57 19.06
N VAL A 114 12.08 -7.28 18.95
CA VAL A 114 11.24 -6.35 18.18
C VAL A 114 12.14 -5.47 17.32
N ARG A 115 11.86 -5.40 16.02
CA ARG A 115 12.52 -4.44 15.16
C ARG A 115 11.59 -3.27 14.89
N GLY A 116 12.16 -2.08 14.83
CA GLY A 116 11.37 -0.88 14.62
C GLY A 116 11.43 -0.37 13.20
N HIS A 117 10.27 -0.33 12.54
CA HIS A 117 10.22 0.01 11.13
C HIS A 117 9.15 1.06 10.90
N THR A 118 9.51 2.31 10.62
CA THR A 118 10.88 2.82 10.46
C THR A 118 10.78 4.30 10.77
N LEU A 119 11.80 4.91 11.33
CA LEU A 119 11.65 6.27 11.83
C LEU A 119 11.72 7.33 10.74
N ALA A 120 12.29 7.05 9.58
CA ALA A 120 12.45 8.11 8.58
C ALA A 120 12.57 7.51 7.18
N TRP A 121 11.75 8.02 6.27
CA TRP A 121 11.44 7.37 5.01
C TRP A 121 10.71 8.37 4.13
N HIS A 122 11.12 8.47 2.86
CA HIS A 122 10.39 9.34 1.93
C HIS A 122 8.97 8.83 1.72
N ALA A 123 8.79 7.51 1.68
CA ALA A 123 7.50 6.93 1.38
C ALA A 123 6.61 6.88 2.60
N GLN A 124 5.30 7.03 2.37
CA GLN A 124 4.29 6.87 3.40
C GLN A 124 4.52 7.87 4.54
N GLN A 125 4.66 9.03 4.18
CA GLN A 125 4.65 10.19 5.05
C GLN A 125 3.22 10.64 5.28
N PRO A 126 2.85 10.97 6.52
CA PRO A 126 1.52 11.56 6.75
C PRO A 126 1.37 12.85 5.96
N GLY A 127 0.17 13.07 5.45
CA GLY A 127 -0.04 14.10 4.44
C GLY A 127 0.56 15.44 4.81
N TRP A 128 0.44 15.84 6.08
CA TRP A 128 0.96 17.14 6.48
C TRP A 128 2.46 17.21 6.28
N MET A 129 3.16 16.08 6.37
CA MET A 129 4.62 16.06 6.20
C MET A 129 5.04 16.15 4.73
N GLN A 130 4.33 15.45 3.84
CA GLN A 130 4.62 15.57 2.40
C GLN A 130 4.67 17.01 1.91
N ASN A 131 3.92 17.91 2.53
CA ASN A 131 3.82 19.24 1.95
C ASN A 131 4.73 20.27 2.61
N MET A 132 5.51 19.88 3.62
CA MET A 132 6.52 20.72 4.25
C MET A 132 7.86 20.60 3.51
N SER A 133 8.74 21.57 3.77
CA SER A 133 10.08 21.57 3.19
C SER A 133 11.00 22.42 4.07
N GLY A 134 12.31 22.25 3.87
CA GLY A 134 13.26 23.15 4.50
C GLY A 134 13.47 22.89 5.98
N GLN A 135 13.79 23.98 6.71
CA GLN A 135 14.11 23.85 8.13
C GLN A 135 12.95 23.21 8.88
N SER A 136 11.73 23.70 8.64
CA SER A 136 10.56 23.21 9.35
C SER A 136 10.29 21.74 9.06
N LEU A 137 10.57 21.29 7.83
CA LEU A 137 10.51 19.86 7.57
C LEU A 137 11.58 19.14 8.36
N ARG A 138 12.80 19.67 8.33
CA ARG A 138 13.88 19.10 9.12
C ARG A 138 13.47 19.00 10.59
N ASP A 139 12.95 20.10 11.14
CA ASP A 139 12.45 20.08 12.52
C ASP A 139 11.38 19.01 12.71
N ALA A 140 10.39 18.97 11.81
CA ALA A 140 9.32 17.99 11.94
C ALA A 140 9.86 16.56 11.86
N LEU A 141 10.88 16.33 11.03
CA LEU A 141 11.46 15.00 10.89
C LEU A 141 12.17 14.56 12.18
N LEU A 142 13.01 15.44 12.75
CA LEU A 142 13.74 15.06 13.97
C LEU A 142 12.78 14.87 15.12
N ASN A 143 11.78 15.76 15.22
CA ASN A 143 10.74 15.59 16.23
C ASN A 143 10.10 14.21 16.11
N HIS A 144 9.84 13.76 14.87
CA HIS A 144 9.25 12.45 14.69
C HIS A 144 10.18 11.35 15.20
N VAL A 145 11.46 11.43 14.87
CA VAL A 145 12.41 10.37 15.25
C VAL A 145 12.58 10.31 16.77
N SER A 146 12.82 11.46 17.42
CA SER A 146 13.08 11.39 18.86
C SER A 146 11.84 11.01 19.64
N ARG A 147 10.65 11.47 19.22
CA ARG A 147 9.44 11.12 19.96
C ARG A 147 9.07 9.64 19.76
N VAL A 148 9.12 9.14 18.51
CA VAL A 148 8.81 7.74 18.29
C VAL A 148 9.81 6.86 19.02
N ALA A 149 11.10 7.20 18.93
CA ALA A 149 12.10 6.37 19.59
C ALA A 149 12.00 6.48 21.10
N SER A 150 11.55 7.64 21.60
CA SER A 150 11.34 7.81 23.05
C SER A 150 10.21 6.91 23.55
N TYR A 151 9.08 6.91 22.85
CA TYR A 151 7.94 6.13 23.26
C TYR A 151 8.28 4.64 23.39
N TYR A 152 9.14 4.14 22.52
CA TYR A 152 9.47 2.73 22.46
C TYR A 152 10.79 2.42 23.13
N ARG A 153 11.36 3.40 23.84
CA ARG A 153 12.66 3.19 24.46
C ARG A 153 12.63 1.96 25.35
N GLY A 154 13.63 1.10 25.19
CA GLY A 154 13.75 -0.10 25.98
C GLY A 154 13.00 -1.29 25.45
N LYS A 155 12.12 -1.10 24.47
CA LYS A 155 11.38 -2.22 23.90
C LYS A 155 11.86 -2.59 22.51
N ILE A 156 12.84 -1.88 21.94
CA ILE A 156 13.19 -2.03 20.53
C ILE A 156 14.61 -2.59 20.39
N HIS A 157 14.73 -3.83 19.90
CA HIS A 157 16.03 -4.41 19.65
C HIS A 157 16.81 -3.62 18.58
N SER A 158 16.15 -3.26 17.47
CA SER A 158 16.85 -2.44 16.48
C SER A 158 15.82 -1.58 15.73
N TRP A 159 16.27 -0.39 15.34
CA TRP A 159 15.47 0.59 14.62
C TRP A 159 15.96 0.74 13.18
N ASP A 160 15.08 0.51 12.21
CA ASP A 160 15.29 1.14 10.92
C ASP A 160 15.17 2.63 11.12
N VAL A 161 16.28 3.32 11.37
CA VAL A 161 16.21 4.76 11.58
C VAL A 161 15.87 5.46 10.27
N VAL A 162 16.62 5.19 9.21
CA VAL A 162 16.39 5.79 7.90
C VAL A 162 16.20 4.67 6.89
N ASN A 163 15.10 4.74 6.14
CA ASN A 163 14.74 3.70 5.19
C ASN A 163 14.86 4.21 3.74
N GLU A 164 15.49 3.40 2.89
CA GLU A 164 15.62 3.64 1.45
C GLU A 164 15.95 5.10 1.10
N ALA A 165 17.19 5.51 1.27
CA ALA A 165 17.60 6.88 0.97
C ALA A 165 18.44 7.00 -0.30
N PHE A 166 18.65 5.91 -1.04
CA PHE A 166 19.51 5.93 -2.21
C PHE A 166 18.73 5.59 -3.48
N ALA A 167 19.09 6.26 -4.57
CA ALA A 167 18.45 6.10 -5.85
C ALA A 167 18.68 4.71 -6.42
N ASP A 168 17.84 4.35 -7.38
CA ASP A 168 18.00 3.16 -8.21
C ASP A 168 18.47 3.57 -9.61
N ASP A 169 19.52 4.38 -9.70
CA ASP A 169 19.86 5.00 -10.98
C ASP A 169 21.23 4.58 -11.50
N GLY A 170 21.82 3.51 -10.95
CA GLY A 170 23.11 3.06 -11.40
C GLY A 170 24.26 3.98 -11.12
N ARG A 171 24.08 5.03 -10.32
CA ARG A 171 25.16 5.91 -9.91
C ARG A 171 25.34 5.95 -8.39
N GLY A 172 24.53 5.22 -7.63
CA GLY A 172 24.62 5.27 -6.18
C GLY A 172 24.33 6.62 -5.56
N SER A 173 23.60 7.49 -6.26
CA SER A 173 23.36 8.81 -5.72
C SER A 173 22.20 8.78 -4.72
N ARG A 174 22.00 9.90 -4.02
CA ARG A 174 20.91 10.01 -3.06
C ARG A 174 19.57 10.10 -3.80
N ARG A 175 18.57 9.41 -3.28
CA ARG A 175 17.21 9.64 -3.77
C ARG A 175 16.78 11.08 -3.49
N ASP A 176 16.27 11.76 -4.51
CA ASP A 176 15.74 13.11 -4.33
C ASP A 176 14.43 13.02 -3.53
N SER A 177 14.42 13.53 -2.29
CA SER A 177 13.20 13.57 -1.49
C SER A 177 13.13 14.89 -0.73
N ASN A 178 11.92 15.23 -0.26
CA ASN A 178 11.80 16.47 0.50
C ASN A 178 12.74 16.45 1.68
N LEU A 179 12.89 15.27 2.29
CA LEU A 179 13.92 15.04 3.31
C LEU A 179 15.31 15.38 2.78
N GLN A 180 15.72 14.69 1.70
CA GLN A 180 17.06 14.91 1.15
C GLN A 180 17.28 16.37 0.77
N ARG A 181 16.21 17.08 0.37
CA ARG A 181 16.33 18.49 0.01
C ARG A 181 16.48 19.40 1.24
N THR A 182 16.30 18.88 2.46
CA THR A 182 16.63 19.70 3.63
C THR A 182 18.13 19.81 3.82
N GLY A 183 18.88 18.91 3.22
CA GLY A 183 20.30 18.89 3.46
C GLY A 183 20.82 17.48 3.34
N ASN A 184 22.00 17.34 2.74
CA ASN A 184 22.57 16.02 2.63
C ASN A 184 22.83 15.37 3.99
N ASP A 185 22.83 16.13 5.09
CA ASP A 185 23.15 15.56 6.39
C ASP A 185 21.92 15.12 7.15
N TRP A 186 20.78 14.97 6.48
CA TRP A 186 19.58 14.58 7.22
C TRP A 186 19.67 13.15 7.71
N ILE A 187 20.42 12.28 7.02
CA ILE A 187 20.55 10.92 7.51
C ILE A 187 21.33 10.90 8.82
N GLU A 188 22.37 11.72 8.88
CA GLU A 188 23.17 11.86 10.08
C GLU A 188 22.33 12.41 11.23
N ALA A 189 21.65 13.53 11.01
CA ALA A 189 20.82 14.12 12.04
C ALA A 189 19.79 13.13 12.57
N ALA A 190 19.23 12.30 11.68
CA ALA A 190 18.23 11.34 12.12
C ALA A 190 18.83 10.26 13.01
N PHE A 191 20.04 9.79 12.72
CA PHE A 191 20.67 8.81 13.61
C PHE A 191 21.01 9.44 14.96
N ARG A 192 21.52 10.68 14.93
CA ARG A 192 21.82 11.40 16.15
C ARG A 192 20.60 11.57 17.06
N ALA A 193 19.45 11.97 16.49
CA ALA A 193 18.24 12.08 17.29
C ALA A 193 17.77 10.74 17.83
N ALA A 194 17.98 9.65 17.09
CA ALA A 194 17.51 8.36 17.58
C ALA A 194 18.40 7.82 18.68
N ARG A 195 19.72 8.04 18.59
CA ARG A 195 20.60 7.58 19.65
C ARG A 195 20.29 8.27 20.97
N SER A 196 20.15 9.60 20.94
CA SER A 196 19.63 10.35 22.07
C SER A 196 18.37 9.69 22.65
N ALA A 197 17.35 9.47 21.82
CA ALA A 197 16.06 9.06 22.36
C ALA A 197 16.11 7.66 22.97
N ASP A 198 16.84 6.74 22.35
CA ASP A 198 16.97 5.36 22.85
C ASP A 198 18.38 4.86 22.54
N PRO A 199 19.31 4.99 23.49
CA PRO A 199 20.68 4.51 23.28
C PRO A 199 20.85 3.00 23.41
N GLY A 200 19.85 2.27 23.90
CA GLY A 200 19.96 0.83 23.91
C GLY A 200 19.63 0.18 22.59
N ALA A 201 18.94 0.89 21.70
CA ALA A 201 18.52 0.31 20.45
C ALA A 201 19.68 0.31 19.43
N LYS A 202 19.76 -0.76 18.63
CA LYS A 202 20.67 -0.79 17.48
C LYS A 202 20.09 0.06 16.37
N LEU A 203 20.88 0.96 15.82
CA LEU A 203 20.39 1.92 14.83
C LEU A 203 20.81 1.46 13.42
N CYS A 204 19.82 1.09 12.60
CA CYS A 204 20.09 0.54 11.28
C CYS A 204 19.80 1.55 10.17
N TYR A 205 20.58 1.44 9.11
CA TYR A 205 20.18 1.91 7.79
C TYR A 205 19.66 0.73 6.98
N ASN A 206 18.51 0.91 6.35
CA ASN A 206 17.83 -0.19 5.65
C ASN A 206 17.55 0.22 4.21
N ASP A 207 17.71 -0.72 3.27
CA ASP A 207 17.53 -0.40 1.85
C ASP A 207 17.43 -1.70 1.05
N TYR A 208 16.97 -1.55 -0.19
CA TYR A 208 16.73 -2.65 -1.13
C TYR A 208 17.61 -2.45 -2.35
N ASN A 209 17.65 -3.47 -3.23
CA ASN A 209 18.54 -3.45 -4.41
C ASN A 209 19.97 -3.17 -3.98
N THR A 210 20.40 -3.89 -2.95
CA THR A 210 21.65 -3.62 -2.25
C THR A 210 22.27 -4.94 -1.83
N ASP A 211 21.80 -6.05 -2.41
CA ASP A 211 22.14 -7.38 -1.94
C ASP A 211 23.48 -7.83 -2.49
N GLY A 212 23.78 -7.49 -3.75
CA GLY A 212 25.08 -7.75 -4.35
C GLY A 212 26.00 -6.55 -4.25
N VAL A 213 27.04 -6.57 -5.08
CA VAL A 213 27.98 -5.45 -5.20
C VAL A 213 27.56 -4.63 -6.42
N ASN A 214 26.79 -3.58 -6.18
CA ASN A 214 26.37 -2.72 -7.29
C ASN A 214 26.66 -1.27 -6.94
N ALA A 215 26.21 -0.37 -7.82
CA ALA A 215 26.41 1.05 -7.61
C ALA A 215 25.66 1.54 -6.38
N LYS A 216 24.55 0.88 -6.03
CA LYS A 216 23.71 1.30 -4.93
C LYS A 216 24.28 0.83 -3.59
N SER A 217 24.65 -0.45 -3.48
CA SER A 217 25.27 -0.91 -2.25
C SER A 217 26.59 -0.16 -2.00
N THR A 218 27.25 0.27 -3.06
CA THR A 218 28.50 0.99 -2.87
C THR A 218 28.25 2.45 -2.50
N GLY A 219 27.09 3.01 -2.87
CA GLY A 219 26.71 4.31 -2.35
C GLY A 219 26.33 4.27 -0.89
N VAL A 220 25.54 3.27 -0.50
CA VAL A 220 25.32 2.97 0.92
C VAL A 220 26.65 2.76 1.63
N TYR A 221 27.50 1.87 1.10
CA TYR A 221 28.78 1.55 1.73
C TYR A 221 29.58 2.80 2.05
N ASN A 222 29.67 3.73 1.10
CA ASN A 222 30.51 4.91 1.30
C ASN A 222 29.94 5.82 2.39
N MET A 223 28.62 5.98 2.42
CA MET A 223 27.98 6.71 3.50
C MET A 223 28.31 6.10 4.85
N VAL A 224 28.04 4.80 5.02
CA VAL A 224 28.31 4.14 6.29
C VAL A 224 29.79 4.24 6.64
N ARG A 225 30.67 4.05 5.64
CA ARG A 225 32.10 4.17 5.91
C ARG A 225 32.41 5.53 6.52
N ASP A 226 31.87 6.58 5.91
CA ASP A 226 32.08 7.94 6.42
C ASP A 226 31.46 8.13 7.80
N PHE A 227 30.29 7.52 8.03
CA PHE A 227 29.66 7.58 9.34
C PHE A 227 30.56 6.96 10.39
N LYS A 228 31.10 5.78 10.10
CA LYS A 228 31.99 5.12 11.05
C LYS A 228 33.29 5.88 11.20
N ALA A 229 33.79 6.44 10.10
CA ALA A 229 34.96 7.30 10.19
C ALA A 229 34.73 8.42 11.21
N ARG A 230 33.56 9.07 11.16
CA ARG A 230 33.33 10.29 11.94
C ARG A 230 32.57 10.08 13.26
N GLY A 231 32.31 8.83 13.65
CA GLY A 231 31.58 8.59 14.89
C GLY A 231 30.09 8.85 14.86
N VAL A 232 29.51 9.09 13.68
CA VAL A 232 28.05 9.11 13.52
C VAL A 232 27.50 7.84 14.13
N PRO A 233 26.42 7.89 14.95
CA PRO A 233 25.96 6.68 15.64
C PRO A 233 25.13 5.73 14.78
N ILE A 234 25.76 4.82 14.05
CA ILE A 234 25.06 3.82 13.23
C ILE A 234 25.62 2.45 13.55
N ASP A 235 24.75 1.55 14.01
CA ASP A 235 25.15 0.24 14.50
C ASP A 235 24.99 -0.89 13.49
N CYS A 236 23.99 -0.83 12.61
CA CYS A 236 23.73 -1.91 11.68
C CYS A 236 23.30 -1.34 10.34
N VAL A 237 23.44 -2.18 9.31
CA VAL A 237 22.93 -1.89 7.99
C VAL A 237 21.98 -3.01 7.63
N GLY A 238 20.78 -2.66 7.20
CA GLY A 238 19.77 -3.64 6.85
C GLY A 238 19.72 -3.86 5.35
N PHE A 239 19.52 -5.11 4.97
CA PHE A 239 19.40 -5.49 3.56
C PHE A 239 18.02 -6.09 3.36
N GLN A 240 17.14 -5.34 2.70
CA GLN A 240 15.77 -5.83 2.56
C GLN A 240 15.76 -7.19 1.88
N SER A 241 16.55 -7.36 0.80
CA SER A 241 16.63 -8.61 0.06
C SER A 241 15.25 -9.04 -0.43
N HIS A 242 14.58 -8.13 -1.11
CA HIS A 242 13.38 -8.48 -1.86
C HIS A 242 13.82 -9.09 -3.18
N LEU A 243 14.02 -10.40 -3.17
CA LEU A 243 14.71 -11.02 -4.30
C LEU A 243 13.75 -11.37 -5.43
N GLY A 244 14.33 -11.50 -6.62
CA GLY A 244 13.67 -12.22 -7.68
C GLY A 244 13.74 -13.71 -7.39
N THR A 245 14.26 -14.48 -8.33
CA THR A 245 14.31 -15.93 -8.18
C THR A 245 15.68 -16.41 -7.75
N THR A 246 16.68 -15.54 -7.72
CA THR A 246 18.07 -15.98 -7.60
C THR A 246 18.89 -15.05 -6.74
N VAL A 247 19.84 -15.64 -6.00
CA VAL A 247 20.68 -14.91 -5.06
C VAL A 247 21.95 -14.46 -5.77
N PRO A 248 22.38 -13.20 -5.63
CA PRO A 248 23.59 -12.76 -6.36
C PRO A 248 24.81 -13.54 -5.92
N SER A 249 25.71 -13.76 -6.88
CA SER A 249 26.93 -14.51 -6.63
C SER A 249 27.73 -13.94 -5.46
N ASP A 250 27.69 -12.62 -5.29
CA ASP A 250 28.49 -11.91 -4.28
C ASP A 250 27.63 -11.41 -3.14
N TYR A 251 26.52 -12.12 -2.85
CA TYR A 251 25.63 -11.72 -1.77
C TYR A 251 26.38 -11.64 -0.45
N GLN A 252 27.15 -12.68 -0.16
CA GLN A 252 27.95 -12.76 1.06
C GLN A 252 29.16 -11.82 1.00
N ALA A 253 29.80 -11.70 -0.15
CA ALA A 253 30.91 -10.76 -0.25
C ALA A 253 30.45 -9.35 0.07
N ASN A 254 29.22 -9.01 -0.30
CA ASN A 254 28.71 -7.67 -0.02
C ASN A 254 28.33 -7.51 1.45
N LEU A 255 27.60 -8.49 1.99
CA LEU A 255 27.38 -8.55 3.44
C LEU A 255 28.68 -8.35 4.18
N GLN A 256 29.74 -9.03 3.74
CA GLN A 256 30.99 -9.08 4.50
C GLN A 256 31.73 -7.76 4.45
N ARG A 257 31.75 -7.10 3.28
CA ARG A 257 32.43 -5.82 3.23
C ARG A 257 31.84 -4.85 4.24
N PHE A 258 30.55 -4.96 4.54
CA PHE A 258 29.92 -4.03 5.48
C PHE A 258 30.28 -4.39 6.90
N ALA A 259 30.20 -5.67 7.25
CA ALA A 259 30.56 -6.09 8.59
C ALA A 259 31.98 -5.68 8.92
N ASP A 260 32.87 -5.69 7.94
CA ASP A 260 34.23 -5.21 8.12
C ASP A 260 34.28 -3.74 8.49
N LEU A 261 33.23 -2.97 8.23
CA LEU A 261 33.20 -1.61 8.73
C LEU A 261 32.94 -1.55 10.22
N GLY A 262 32.73 -2.68 10.89
CA GLY A 262 32.33 -2.64 12.27
C GLY A 262 30.88 -2.23 12.49
N VAL A 263 29.99 -2.64 11.59
CA VAL A 263 28.56 -2.59 11.84
C VAL A 263 28.05 -4.01 11.77
N ASP A 264 26.94 -4.25 12.43
CA ASP A 264 26.23 -5.51 12.24
C ASP A 264 25.49 -5.47 10.92
N VAL A 265 25.14 -6.65 10.41
CA VAL A 265 24.32 -6.72 9.21
C VAL A 265 23.09 -7.58 9.50
N GLN A 266 21.99 -7.21 8.86
CA GLN A 266 20.69 -7.81 9.09
C GLN A 266 19.98 -7.90 7.75
N ILE A 267 19.35 -9.04 7.50
CA ILE A 267 18.52 -9.20 6.32
C ILE A 267 17.09 -8.96 6.79
N THR A 268 16.52 -7.84 6.37
CA THR A 268 15.40 -7.25 7.08
C THR A 268 14.01 -7.60 6.52
N GLU A 269 13.84 -7.70 5.21
CA GLU A 269 12.51 -7.90 4.59
C GLU A 269 12.59 -8.95 3.47
N LEU A 270 13.09 -10.14 3.82
CA LEU A 270 13.45 -11.15 2.84
C LEU A 270 12.20 -11.81 2.26
N ASP A 271 12.18 -11.96 0.93
CA ASP A 271 11.24 -12.79 0.18
C ASP A 271 11.86 -13.06 -1.19
N ILE A 272 11.57 -14.25 -1.73
CA ILE A 272 12.20 -14.77 -2.95
C ILE A 272 11.12 -15.29 -3.88
N GLN A 273 11.07 -14.74 -5.11
CA GLN A 273 10.09 -15.17 -6.11
C GLN A 273 10.07 -16.69 -6.29
N GLN A 274 8.88 -17.24 -6.40
CA GLN A 274 8.73 -18.69 -6.42
C GLN A 274 9.34 -19.25 -7.71
N GLY A 275 9.51 -20.57 -7.72
CA GLY A 275 10.20 -21.25 -8.80
C GLY A 275 10.92 -22.47 -8.26
N SER A 276 11.62 -23.14 -9.16
CA SER A 276 12.36 -24.33 -8.75
C SER A 276 13.57 -23.97 -7.91
N ASN A 277 14.13 -22.78 -8.11
CA ASN A 277 15.29 -22.33 -7.35
C ASN A 277 14.91 -21.61 -6.05
N GLN A 278 13.61 -21.53 -5.71
CA GLN A 278 13.27 -20.79 -4.50
C GLN A 278 13.98 -21.38 -3.28
N ALA A 279 13.81 -22.68 -3.03
CA ALA A 279 14.39 -23.27 -1.82
C ALA A 279 15.91 -23.16 -1.82
N ASN A 280 16.52 -23.28 -3.00
CA ASN A 280 17.95 -23.05 -3.15
C ASN A 280 18.32 -21.63 -2.80
N ALA A 281 17.42 -20.69 -3.12
CA ALA A 281 17.72 -19.28 -2.87
C ALA A 281 17.61 -18.93 -1.39
N TYR A 282 16.65 -19.54 -0.68
CA TYR A 282 16.59 -19.31 0.77
C TYR A 282 17.78 -19.94 1.46
N ARG A 283 18.09 -21.19 1.11
CA ARG A 283 19.25 -21.86 1.69
C ARG A 283 20.53 -21.08 1.44
N GLN A 284 20.61 -20.37 0.32
CA GLN A 284 21.81 -19.58 0.06
C GLN A 284 21.85 -18.33 0.91
N VAL A 285 20.72 -17.67 1.11
CA VAL A 285 20.72 -16.44 1.91
C VAL A 285 21.10 -16.74 3.34
N VAL A 286 20.60 -17.87 3.87
CA VAL A 286 20.92 -18.27 5.23
C VAL A 286 22.41 -18.60 5.36
N GLN A 287 22.98 -19.34 4.38
CA GLN A 287 24.39 -19.72 4.46
C GLN A 287 25.32 -18.52 4.26
N ALA A 288 24.86 -17.51 3.52
CA ALA A 288 25.61 -16.26 3.42
C ALA A 288 25.60 -15.48 4.73
N CYS A 289 24.63 -15.71 5.60
CA CYS A 289 24.59 -15.01 6.86
C CYS A 289 25.35 -15.78 7.92
N LEU A 290 25.25 -17.11 7.91
CA LEU A 290 26.07 -17.90 8.84
C LEU A 290 27.55 -17.73 8.54
N ALA A 291 27.89 -17.55 7.27
CA ALA A 291 29.28 -17.36 6.90
C ALA A 291 29.86 -16.04 7.40
N VAL A 292 29.03 -15.04 7.66
CA VAL A 292 29.50 -13.71 8.03
C VAL A 292 29.27 -13.51 9.53
N SER A 293 30.35 -13.23 10.26
CA SER A 293 30.28 -13.36 11.71
C SER A 293 29.44 -12.25 12.34
N ARG A 294 29.38 -11.09 11.71
CA ARG A 294 28.58 -9.97 12.19
C ARG A 294 27.17 -9.95 11.63
N CYS A 295 26.67 -11.07 11.10
CA CYS A 295 25.33 -11.11 10.52
C CYS A 295 24.40 -11.71 11.56
N THR A 296 23.65 -10.83 12.23
CA THR A 296 22.98 -11.19 13.45
C THR A 296 21.64 -11.90 13.24
N GLY A 297 21.01 -11.80 12.07
CA GLY A 297 19.75 -12.50 11.87
C GLY A 297 19.02 -12.10 10.60
N ILE A 298 18.00 -12.90 10.29
CA ILE A 298 17.21 -12.83 9.06
C ILE A 298 15.73 -12.67 9.41
N THR A 299 15.08 -11.69 8.78
CA THR A 299 13.63 -11.48 8.88
C THR A 299 13.02 -11.63 7.49
N VAL A 300 12.12 -12.63 7.33
CA VAL A 300 11.34 -12.74 6.09
C VAL A 300 10.10 -11.87 6.24
N TRP A 301 9.60 -11.34 5.11
CA TRP A 301 8.61 -10.26 5.15
C TRP A 301 7.20 -10.81 5.03
N GLY A 302 6.87 -11.69 5.97
CA GLY A 302 5.52 -12.21 6.11
C GLY A 302 5.48 -13.69 6.46
N VAL A 303 4.37 -14.11 7.05
CA VAL A 303 4.17 -15.51 7.42
C VAL A 303 3.90 -16.32 6.17
N ARG A 304 2.67 -16.21 5.63
CA ARG A 304 2.19 -17.07 4.56
C ARG A 304 2.24 -16.36 3.21
N ASP A 305 2.38 -17.16 2.15
CA ASP A 305 2.37 -16.69 0.77
C ASP A 305 1.20 -15.76 0.52
N THR A 306 0.03 -16.12 1.05
CA THR A 306 -1.16 -15.30 0.90
C THR A 306 -1.07 -13.99 1.64
N ASP A 307 -0.17 -13.87 2.62
CA ASP A 307 -0.02 -12.64 3.38
C ASP A 307 0.92 -11.66 2.74
N SER A 308 1.44 -11.96 1.56
CA SER A 308 2.55 -11.20 1.01
C SER A 308 2.08 -9.97 0.24
N TRP A 309 2.72 -8.83 0.52
CA TRP A 309 2.55 -7.64 -0.29
C TRP A 309 2.83 -7.92 -1.76
N ARG A 310 3.63 -8.95 -2.05
CA ARG A 310 3.99 -9.37 -3.40
C ARG A 310 3.03 -10.47 -3.86
N THR A 311 1.80 -10.05 -4.16
CA THR A 311 0.75 -10.99 -4.52
C THR A 311 1.08 -11.72 -5.82
N GLY A 312 0.87 -13.03 -5.82
CA GLY A 312 1.21 -13.87 -6.93
C GLY A 312 2.63 -14.42 -6.90
N ALA A 313 3.53 -13.78 -6.16
CA ALA A 313 4.92 -14.21 -6.14
C ALA A 313 5.13 -15.50 -5.36
N ASN A 314 4.23 -15.84 -4.41
CA ASN A 314 4.40 -16.86 -3.38
C ASN A 314 5.84 -16.91 -2.86
N PRO A 315 6.31 -15.87 -2.19
CA PRO A 315 7.76 -15.74 -2.01
C PRO A 315 8.18 -16.00 -0.58
N LEU A 316 7.43 -16.83 0.15
CA LEU A 316 7.58 -16.96 1.60
C LEU A 316 7.79 -18.42 1.98
N LEU A 317 7.92 -18.65 3.28
CA LEU A 317 8.24 -19.97 3.83
C LEU A 317 7.00 -20.84 4.10
N PHE A 318 5.80 -20.27 4.06
CA PHE A 318 4.54 -20.98 4.29
C PHE A 318 3.57 -20.69 3.16
N ASP A 319 2.69 -21.64 2.87
CA ASP A 319 1.61 -21.41 1.91
C ASP A 319 0.31 -20.96 2.61
N GLY A 320 -0.69 -20.60 1.80
CA GLY A 320 -1.92 -20.05 2.35
C GLY A 320 -2.63 -20.98 3.32
N SER A 321 -2.56 -22.29 3.06
CA SER A 321 -3.08 -23.27 4.01
C SER A 321 -2.23 -23.40 5.26
N GLY A 322 -1.19 -22.59 5.41
CA GLY A 322 -0.38 -22.57 6.61
C GLY A 322 0.73 -23.60 6.69
N ASN A 323 0.99 -24.35 5.62
CA ASN A 323 1.91 -25.47 5.65
C ASN A 323 3.34 -25.05 5.33
N LYS A 324 4.28 -25.85 5.82
CA LYS A 324 5.67 -25.59 5.48
C LYS A 324 5.91 -25.91 4.01
N LYS A 325 6.53 -24.96 3.31
CA LYS A 325 7.01 -25.15 1.96
C LYS A 325 8.38 -25.81 1.96
N ALA A 326 8.85 -26.16 0.76
CA ALA A 326 10.21 -26.65 0.62
C ALA A 326 11.21 -25.64 1.16
N ALA A 327 10.97 -24.35 0.88
CA ALA A 327 11.90 -23.31 1.31
C ALA A 327 12.06 -23.28 2.83
N TYR A 328 11.02 -23.68 3.57
CA TYR A 328 11.16 -23.81 5.01
C TYR A 328 12.17 -24.89 5.37
N ALA A 329 12.12 -26.05 4.69
CA ALA A 329 13.05 -27.12 5.04
C ALA A 329 14.48 -26.77 4.67
N ALA A 330 14.65 -26.02 3.58
CA ALA A 330 15.98 -25.53 3.21
C ALA A 330 16.53 -24.59 4.29
N VAL A 331 15.70 -23.68 4.79
CA VAL A 331 16.17 -22.77 5.82
C VAL A 331 16.50 -23.53 7.11
N LEU A 332 15.64 -24.46 7.52
CA LEU A 332 15.88 -25.21 8.75
C LEU A 332 17.14 -26.06 8.64
N GLU A 333 17.37 -26.70 7.48
CA GLU A 333 18.61 -27.46 7.33
C GLU A 333 19.82 -26.54 7.41
N ALA A 334 19.79 -25.45 6.63
CA ALA A 334 20.95 -24.57 6.57
C ALA A 334 21.31 -24.05 7.96
N LEU A 335 20.31 -23.79 8.80
CA LEU A 335 20.58 -23.39 10.18
C LEU A 335 21.20 -24.54 10.99
N ASN A 336 20.95 -25.79 10.59
CA ASN A 336 21.45 -26.92 11.35
C ASN A 336 22.75 -27.50 10.79
N ALA A 337 22.92 -27.58 9.49
CA ALA A 337 24.15 -28.14 8.92
C ALA A 337 25.39 -27.47 9.49
N THR B 39 -29.19 -14.91 -11.40
CA THR B 39 -28.73 -15.66 -10.23
C THR B 39 -27.23 -15.45 -10.01
N THR B 40 -26.71 -14.39 -10.61
CA THR B 40 -25.46 -13.78 -10.17
C THR B 40 -25.71 -12.30 -9.90
N LEU B 41 -24.74 -11.67 -9.26
CA LEU B 41 -24.84 -10.24 -9.01
C LEU B 41 -24.93 -9.49 -10.33
N GLY B 42 -24.06 -9.82 -11.29
CA GLY B 42 -24.03 -9.09 -12.54
C GLY B 42 -25.33 -9.20 -13.31
N GLN B 43 -25.89 -10.42 -13.38
CA GLN B 43 -27.10 -10.62 -14.15
C GLN B 43 -28.27 -9.86 -13.54
N SER B 44 -28.57 -10.12 -12.27
CA SER B 44 -29.73 -9.48 -11.66
C SER B 44 -29.52 -7.99 -11.45
N ALA B 45 -28.27 -7.51 -11.44
CA ALA B 45 -28.05 -6.08 -11.49
C ALA B 45 -28.36 -5.51 -12.87
N ALA B 46 -28.08 -6.27 -13.93
CA ALA B 46 -28.35 -5.78 -15.29
C ALA B 46 -29.85 -5.78 -15.57
N GLU B 47 -30.59 -6.73 -15.01
CA GLU B 47 -32.03 -6.70 -15.14
C GLU B 47 -32.67 -5.54 -14.39
N ARG B 48 -31.91 -4.84 -13.54
CA ARG B 48 -32.35 -3.59 -12.93
C ARG B 48 -31.62 -2.40 -13.53
N GLY B 49 -30.96 -2.61 -14.68
CA GLY B 49 -30.34 -1.53 -15.42
C GLY B 49 -29.02 -1.08 -14.88
N ARG B 50 -28.36 -1.90 -14.06
CA ARG B 50 -27.15 -1.47 -13.35
C ARG B 50 -26.06 -2.54 -13.46
N TYR B 51 -24.85 -2.13 -13.14
CA TYR B 51 -23.71 -3.02 -13.19
C TYR B 51 -23.27 -3.33 -11.76
N PHE B 52 -22.90 -4.58 -11.50
CA PHE B 52 -22.22 -4.94 -10.27
C PHE B 52 -20.79 -5.34 -10.59
N GLY B 53 -19.82 -4.53 -10.12
CA GLY B 53 -18.43 -4.71 -10.45
C GLY B 53 -17.58 -5.05 -9.23
N VAL B 54 -16.32 -5.34 -9.49
CA VAL B 54 -15.38 -5.77 -8.47
C VAL B 54 -14.00 -5.25 -8.84
N ALA B 55 -13.19 -4.98 -7.81
CA ALA B 55 -11.80 -4.59 -8.03
C ALA B 55 -10.90 -5.82 -8.09
N ILE B 56 -9.85 -5.72 -8.89
CA ILE B 56 -9.03 -6.86 -9.27
C ILE B 56 -7.56 -6.48 -9.15
N ALA B 57 -6.75 -7.40 -8.63
CA ALA B 57 -5.30 -7.27 -8.65
C ALA B 57 -4.74 -8.32 -9.60
N ALA B 58 -3.87 -7.88 -10.52
CA ALA B 58 -3.32 -8.83 -11.50
C ALA B 58 -2.68 -10.03 -10.82
N GLY B 59 -1.83 -9.79 -9.82
CA GLY B 59 -1.16 -10.84 -9.08
C GLY B 59 -2.05 -11.98 -8.62
N ARG B 60 -3.34 -11.70 -8.51
CA ARG B 60 -4.27 -12.75 -8.11
C ARG B 60 -4.80 -13.53 -9.28
N MET B 61 -4.46 -13.12 -10.51
CA MET B 61 -5.18 -13.62 -11.68
C MET B 61 -4.84 -15.07 -12.00
N ASN B 62 -3.83 -15.67 -11.36
CA ASN B 62 -3.60 -17.08 -11.54
C ASN B 62 -4.31 -17.93 -10.48
N ASP B 63 -5.01 -17.31 -9.55
CA ASP B 63 -5.73 -18.02 -8.49
C ASP B 63 -7.06 -18.55 -9.02
N GLY B 64 -7.22 -19.87 -9.03
CA GLY B 64 -8.29 -20.48 -9.78
C GLY B 64 -9.67 -20.12 -9.27
N THR B 65 -9.88 -20.25 -7.96
CA THR B 65 -11.21 -20.02 -7.41
C THR B 65 -11.55 -18.54 -7.30
N TYR B 66 -10.53 -17.68 -7.24
CA TYR B 66 -10.70 -16.23 -7.33
C TYR B 66 -11.15 -15.80 -8.72
N MET B 67 -10.45 -16.27 -9.77
CA MET B 67 -10.80 -15.89 -11.14
C MET B 67 -12.15 -16.43 -11.53
N GLY B 68 -12.51 -17.61 -11.01
CA GLY B 68 -13.85 -18.13 -11.24
C GLY B 68 -14.92 -17.18 -10.76
N ILE B 69 -14.84 -16.76 -9.48
CA ILE B 69 -15.83 -15.84 -8.93
C ILE B 69 -15.92 -14.58 -9.81
N VAL B 70 -14.77 -13.99 -10.15
CA VAL B 70 -14.78 -12.79 -10.99
C VAL B 70 -15.34 -13.08 -12.39
N ASP B 71 -15.09 -14.29 -12.92
CA ASP B 71 -15.68 -14.66 -14.20
C ASP B 71 -17.21 -14.58 -14.14
N ARG B 72 -17.80 -15.19 -13.11
CA ARG B 72 -19.22 -15.54 -13.18
C ARG B 72 -20.14 -14.54 -12.47
N GLU B 73 -19.61 -13.66 -11.61
CA GLU B 73 -20.47 -12.85 -10.73
C GLU B 73 -20.45 -11.34 -11.01
N PHE B 74 -19.44 -10.80 -11.68
CA PHE B 74 -19.36 -9.36 -11.87
C PHE B 74 -19.30 -9.04 -13.35
N ASP B 75 -19.90 -7.90 -13.73
CA ASP B 75 -19.88 -7.44 -15.12
C ASP B 75 -19.16 -6.10 -15.25
N SER B 76 -18.34 -5.74 -14.28
CA SER B 76 -17.50 -4.56 -14.36
C SER B 76 -16.23 -4.84 -13.58
N ILE B 77 -15.12 -4.18 -13.94
CA ILE B 77 -13.80 -4.49 -13.39
C ILE B 77 -12.99 -3.19 -13.22
N VAL B 78 -12.47 -2.97 -12.02
CA VAL B 78 -11.52 -1.90 -11.73
C VAL B 78 -10.17 -2.55 -11.50
N ALA B 79 -9.11 -1.88 -11.91
CA ALA B 79 -7.79 -2.28 -11.45
C ALA B 79 -7.61 -1.76 -10.04
N GLU B 80 -7.23 -2.63 -9.11
CA GLU B 80 -7.01 -2.16 -7.75
C GLU B 80 -5.77 -1.27 -7.66
N ASN B 81 -4.73 -1.53 -8.46
CA ASN B 81 -3.54 -0.68 -8.39
C ASN B 81 -2.85 -0.43 -9.73
N GLU B 82 -3.14 -1.21 -10.76
CA GLU B 82 -2.34 -1.23 -11.97
C GLU B 82 -2.57 -0.05 -12.90
N MET B 83 -3.56 0.81 -12.63
CA MET B 83 -3.81 1.97 -13.47
C MET B 83 -3.58 3.31 -12.78
N LYS B 84 -3.00 3.31 -11.57
CA LYS B 84 -2.69 4.51 -10.80
C LYS B 84 -1.53 5.26 -11.42
N MET B 85 -1.27 6.47 -10.92
CA MET B 85 -0.26 7.33 -11.54
C MET B 85 1.12 6.68 -11.51
N ASP B 86 1.49 6.10 -10.36
CA ASP B 86 2.83 5.53 -10.22
C ASP B 86 3.00 4.28 -11.08
N ALA B 87 1.92 3.50 -11.26
CA ALA B 87 1.95 2.25 -12.01
C ALA B 87 1.96 2.44 -13.52
N THR B 88 1.68 3.63 -14.03
CA THR B 88 1.55 3.82 -15.47
C THR B 88 2.48 4.90 -16.05
N GLU B 89 3.07 5.77 -15.22
CA GLU B 89 4.07 6.73 -15.69
C GLU B 89 5.27 6.74 -14.73
N PRO B 90 6.08 5.67 -14.75
CA PRO B 90 7.11 5.51 -13.70
C PRO B 90 8.20 6.56 -13.77
N ASN B 91 8.46 7.12 -14.94
CA ASN B 91 9.35 8.26 -15.04
C ASN B 91 8.70 9.28 -15.97
N ARG B 92 9.15 10.52 -15.85
CA ARG B 92 8.54 11.63 -16.58
C ARG B 92 8.42 11.32 -18.07
N ASN B 93 7.20 11.36 -18.57
CA ASN B 93 6.87 11.24 -19.99
C ASN B 93 7.05 9.83 -20.54
N GLN B 94 7.28 8.84 -19.68
CA GLN B 94 7.54 7.46 -20.11
C GLN B 94 6.55 6.52 -19.45
N PHE B 95 5.80 5.77 -20.26
CA PHE B 95 4.61 5.08 -19.79
C PHE B 95 4.78 3.57 -19.88
N ASN B 96 4.06 2.85 -19.00
CA ASN B 96 4.00 1.40 -19.07
C ASN B 96 2.62 0.96 -18.60
N PHE B 97 1.78 0.56 -19.55
CA PHE B 97 0.46 0.03 -19.32
C PHE B 97 0.44 -1.50 -19.26
N SER B 98 1.62 -2.11 -19.09
CA SER B 98 1.72 -3.57 -19.12
C SER B 98 0.79 -4.21 -18.11
N ASN B 99 0.95 -3.85 -16.84
CA ASN B 99 0.09 -4.38 -15.78
C ASN B 99 -1.38 -4.07 -16.02
N GLY B 100 -1.72 -2.80 -16.24
CA GLY B 100 -3.10 -2.42 -16.42
C GLY B 100 -3.75 -3.06 -17.64
N ASP B 101 -2.98 -3.28 -18.71
CA ASP B 101 -3.52 -3.94 -19.88
C ASP B 101 -3.92 -5.38 -19.59
N ARG B 102 -3.15 -6.08 -18.76
CA ARG B 102 -3.54 -7.43 -18.36
C ARG B 102 -4.95 -7.46 -17.77
N ILE B 103 -5.35 -6.38 -17.10
CA ILE B 103 -6.67 -6.30 -16.46
C ILE B 103 -7.73 -5.80 -17.43
N VAL B 104 -7.45 -4.69 -18.10
CA VAL B 104 -8.39 -4.17 -19.10
C VAL B 104 -8.71 -5.23 -20.13
N ASN B 105 -7.67 -5.95 -20.60
CA ASN B 105 -7.83 -6.96 -21.66
C ASN B 105 -8.45 -8.25 -21.15
N TYR B 106 -8.15 -8.68 -19.92
CA TYR B 106 -8.96 -9.75 -19.35
C TYR B 106 -10.43 -9.36 -19.39
N ALA B 107 -10.75 -8.14 -18.95
CA ALA B 107 -12.14 -7.76 -18.81
C ALA B 107 -12.83 -7.70 -20.16
N LEU B 108 -12.20 -7.03 -21.12
CA LEU B 108 -12.84 -6.85 -22.42
C LEU B 108 -13.09 -8.19 -23.10
N GLY B 109 -12.19 -9.15 -22.90
CA GLY B 109 -12.37 -10.45 -23.53
C GLY B 109 -13.47 -11.28 -22.92
N LYS B 110 -13.84 -11.01 -21.67
CA LYS B 110 -14.93 -11.70 -21.00
C LYS B 110 -16.21 -10.88 -21.01
N GLY B 111 -16.32 -9.90 -21.90
CA GLY B 111 -17.56 -9.16 -22.07
C GLY B 111 -17.88 -8.18 -20.98
N LYS B 112 -16.88 -7.77 -20.19
CA LYS B 112 -17.08 -7.03 -18.97
C LYS B 112 -16.73 -5.56 -19.16
N LYS B 113 -17.46 -4.70 -18.44
CA LYS B 113 -17.18 -3.27 -18.40
C LYS B 113 -15.89 -2.99 -17.60
N VAL B 114 -15.32 -1.81 -17.82
CA VAL B 114 -14.04 -1.47 -17.22
C VAL B 114 -14.08 -0.03 -16.71
N ARG B 115 -13.74 0.14 -15.42
CA ARG B 115 -13.54 1.45 -14.84
C ARG B 115 -12.04 1.74 -14.77
N GLY B 116 -11.68 2.98 -15.04
CA GLY B 116 -10.31 3.42 -14.99
C GLY B 116 -10.01 4.13 -13.68
N HIS B 117 -9.10 3.56 -12.91
CA HIS B 117 -8.73 4.07 -11.61
C HIS B 117 -7.23 4.22 -11.57
N THR B 118 -6.63 5.43 -11.59
CA THR B 118 -7.26 6.75 -11.54
C THR B 118 -6.32 7.75 -12.21
N LEU B 119 -6.85 8.73 -12.95
CA LEU B 119 -5.98 9.61 -13.74
C LEU B 119 -5.20 10.63 -12.90
N ALA B 120 -5.76 11.08 -11.77
CA ALA B 120 -5.16 12.18 -11.02
C ALA B 120 -5.49 12.06 -9.54
N TRP B 121 -4.47 12.13 -8.69
CA TRP B 121 -4.61 11.77 -7.28
C TRP B 121 -3.39 12.27 -6.52
N HIS B 122 -3.59 12.78 -5.30
CA HIS B 122 -2.45 13.19 -4.50
C HIS B 122 -1.61 11.99 -4.03
N ALA B 123 -2.22 10.82 -3.92
CA ALA B 123 -1.55 9.67 -3.34
C ALA B 123 -0.94 8.79 -4.41
N GLN B 124 0.14 8.09 -4.01
CA GLN B 124 0.82 7.13 -4.87
C GLN B 124 1.21 7.77 -6.20
N GLN B 125 1.89 8.90 -6.10
CA GLN B 125 2.46 9.57 -7.26
C GLN B 125 3.83 8.99 -7.57
N PRO B 126 4.20 8.91 -8.84
CA PRO B 126 5.59 8.62 -9.19
C PRO B 126 6.54 9.57 -8.48
N GLY B 127 7.72 9.05 -8.12
CA GLY B 127 8.66 9.86 -7.33
C GLY B 127 8.97 11.18 -7.99
N TRP B 128 9.20 11.14 -9.30
CA TRP B 128 9.53 12.38 -10.02
C TRP B 128 8.40 13.40 -9.92
N MET B 129 7.15 12.93 -9.76
CA MET B 129 5.99 13.83 -9.75
C MET B 129 5.80 14.50 -8.39
N GLN B 130 6.00 13.75 -7.29
CA GLN B 130 5.93 14.35 -5.97
C GLN B 130 6.88 15.53 -5.83
N ASN B 131 8.01 15.48 -6.52
CA ASN B 131 9.07 16.47 -6.39
C ASN B 131 8.78 17.77 -7.12
N MET B 132 7.78 17.81 -8.00
CA MET B 132 7.51 19.00 -8.79
C MET B 132 6.40 19.85 -8.16
N SER B 133 6.18 21.01 -8.76
CA SER B 133 5.20 22.00 -8.33
C SER B 133 5.03 23.00 -9.48
N GLY B 134 4.07 23.91 -9.32
CA GLY B 134 3.96 24.97 -10.30
C GLY B 134 3.43 24.54 -11.66
N GLN B 135 3.72 25.38 -12.66
CA GLN B 135 3.27 25.10 -14.01
C GLN B 135 3.74 23.73 -14.46
N SER B 136 4.97 23.38 -14.10
CA SER B 136 5.59 22.15 -14.58
C SER B 136 4.89 20.91 -14.04
N LEU B 137 4.45 20.96 -12.78
CA LEU B 137 3.64 19.88 -12.26
C LEU B 137 2.28 19.86 -12.95
N ARG B 138 1.71 21.05 -13.18
CA ARG B 138 0.46 21.18 -13.91
C ARG B 138 0.58 20.55 -15.30
N ASP B 139 1.61 20.94 -16.07
CA ASP B 139 1.84 20.33 -17.39
C ASP B 139 2.00 18.82 -17.29
N ALA B 140 2.82 18.35 -16.35
CA ALA B 140 3.02 16.91 -16.17
C ALA B 140 1.72 16.19 -15.83
N LEU B 141 0.86 16.82 -15.03
CA LEU B 141 -0.40 16.19 -14.67
C LEU B 141 -1.35 16.09 -15.87
N LEU B 142 -1.44 17.15 -16.69
CA LEU B 142 -2.33 17.08 -17.85
C LEU B 142 -1.78 16.12 -18.90
N ASN B 143 -0.46 16.17 -19.14
CA ASN B 143 0.18 15.21 -20.03
C ASN B 143 -0.17 13.80 -19.62
N HIS B 144 -0.10 13.53 -18.30
CA HIS B 144 -0.40 12.20 -17.78
C HIS B 144 -1.85 11.81 -18.07
N VAL B 145 -2.79 12.71 -17.78
CA VAL B 145 -4.21 12.37 -17.88
C VAL B 145 -4.60 12.10 -19.34
N SER B 146 -4.19 12.97 -20.27
CA SER B 146 -4.60 12.76 -21.66
C SER B 146 -3.86 11.60 -22.30
N ARG B 147 -2.61 11.34 -21.92
CA ARG B 147 -1.90 10.19 -22.49
C ARG B 147 -2.47 8.87 -21.96
N VAL B 148 -2.72 8.77 -20.65
CA VAL B 148 -3.37 7.55 -20.15
C VAL B 148 -4.74 7.39 -20.80
N ALA B 149 -5.53 8.47 -20.82
CA ALA B 149 -6.88 8.35 -21.38
C ALA B 149 -6.84 8.11 -22.88
N SER B 150 -5.87 8.70 -23.59
CA SER B 150 -5.69 8.37 -25.01
C SER B 150 -5.40 6.89 -25.19
N TYR B 151 -4.41 6.39 -24.46
CA TYR B 151 -4.03 4.99 -24.62
C TYR B 151 -5.24 4.07 -24.45
N TYR B 152 -6.08 4.33 -23.47
CA TYR B 152 -7.18 3.43 -23.19
C TYR B 152 -8.48 3.87 -23.87
N ARG B 153 -8.41 4.85 -24.78
CA ARG B 153 -9.58 5.29 -25.52
C ARG B 153 -10.38 4.11 -26.06
N GLY B 154 -11.71 4.26 -26.00
CA GLY B 154 -12.62 3.24 -26.42
C GLY B 154 -12.68 2.02 -25.55
N LYS B 155 -11.71 1.83 -24.66
CA LYS B 155 -11.67 0.64 -23.81
C LYS B 155 -12.34 0.84 -22.45
N ILE B 156 -12.70 2.07 -22.08
CA ILE B 156 -13.01 2.40 -20.68
C ILE B 156 -14.43 2.93 -20.58
N HIS B 157 -15.25 2.26 -19.76
CA HIS B 157 -16.61 2.74 -19.51
C HIS B 157 -16.63 3.97 -18.61
N SER B 158 -15.77 4.02 -17.59
CA SER B 158 -15.75 5.09 -16.60
C SER B 158 -14.33 5.37 -16.15
N TRP B 159 -13.96 6.65 -16.07
CA TRP B 159 -12.68 7.06 -15.50
C TRP B 159 -12.88 7.79 -14.16
N ASP B 160 -12.18 7.34 -13.12
CA ASP B 160 -11.94 8.19 -11.96
C ASP B 160 -10.91 9.23 -12.38
N VAL B 161 -11.38 10.32 -12.99
CA VAL B 161 -10.46 11.34 -13.49
C VAL B 161 -9.67 11.96 -12.36
N VAL B 162 -10.33 12.29 -11.24
CA VAL B 162 -9.71 12.90 -10.07
C VAL B 162 -10.16 12.17 -8.82
N ASN B 163 -9.21 11.85 -7.95
CA ASN B 163 -9.46 11.02 -6.78
C ASN B 163 -9.12 11.78 -5.51
N GLU B 164 -10.07 11.79 -4.56
CA GLU B 164 -9.86 12.28 -3.21
C GLU B 164 -9.16 13.64 -3.20
N ALA B 165 -9.90 14.63 -3.65
CA ALA B 165 -9.36 15.98 -3.74
C ALA B 165 -9.83 16.90 -2.63
N PHE B 166 -10.66 16.41 -1.69
CA PHE B 166 -11.20 17.24 -0.62
C PHE B 166 -10.72 16.76 0.76
N ALA B 167 -10.72 17.69 1.71
CA ALA B 167 -10.16 17.47 3.03
C ALA B 167 -11.15 16.72 3.93
N ASP B 168 -10.62 16.10 4.98
CA ASP B 168 -11.41 15.50 6.06
C ASP B 168 -11.45 16.38 7.30
N ASP B 169 -11.79 17.67 7.15
CA ASP B 169 -11.57 18.64 8.22
C ASP B 169 -12.85 19.32 8.70
N GLY B 170 -14.02 18.73 8.42
CA GLY B 170 -15.28 19.30 8.83
C GLY B 170 -15.66 20.63 8.22
N ARG B 171 -14.88 21.11 7.25
CA ARG B 171 -15.21 22.36 6.56
C ARG B 171 -15.35 22.19 5.05
N GLY B 172 -15.21 20.97 4.52
CA GLY B 172 -15.38 20.73 3.09
C GLY B 172 -14.40 21.48 2.23
N SER B 173 -13.23 21.80 2.76
CA SER B 173 -12.23 22.54 2.01
C SER B 173 -11.43 21.59 1.12
N ARG B 174 -10.67 22.16 0.19
CA ARG B 174 -9.83 21.29 -0.64
C ARG B 174 -8.75 20.65 0.22
N ARG B 175 -8.31 19.47 -0.20
CA ARG B 175 -7.10 18.90 0.39
C ARG B 175 -5.88 19.63 -0.15
N ASP B 176 -4.93 19.94 0.74
CA ASP B 176 -3.71 20.62 0.31
C ASP B 176 -2.74 19.59 -0.26
N SER B 177 -2.60 19.55 -1.57
CA SER B 177 -1.65 18.67 -2.25
C SER B 177 -0.83 19.49 -3.25
N ASN B 178 0.29 18.93 -3.70
CA ASN B 178 1.08 19.65 -4.67
C ASN B 178 0.26 19.99 -5.90
N LEU B 179 -0.70 19.14 -6.24
CA LEU B 179 -1.64 19.46 -7.31
C LEU B 179 -2.46 20.69 -6.93
N GLN B 180 -3.02 20.70 -5.72
CA GLN B 180 -3.93 21.77 -5.31
C GLN B 180 -3.23 23.12 -5.26
N ARG B 181 -1.92 23.14 -5.04
CA ARG B 181 -1.20 24.41 -5.08
C ARG B 181 -0.82 24.82 -6.49
N THR B 182 -1.07 23.98 -7.51
CA THR B 182 -0.91 24.49 -8.87
C THR B 182 -1.99 25.51 -9.17
N GLY B 183 -3.03 25.58 -8.36
CA GLY B 183 -4.16 26.47 -8.60
C GLY B 183 -5.42 25.67 -8.35
N ASN B 184 -6.46 26.38 -7.93
CA ASN B 184 -7.68 25.70 -7.56
C ASN B 184 -8.36 25.07 -8.77
N ASP B 185 -8.05 25.52 -9.98
CA ASP B 185 -8.75 25.02 -11.15
C ASP B 185 -8.18 23.71 -11.70
N TRP B 186 -7.30 23.05 -10.96
CA TRP B 186 -6.64 21.86 -11.50
C TRP B 186 -7.63 20.70 -11.70
N ILE B 187 -8.70 20.62 -10.90
CA ILE B 187 -9.66 19.54 -11.08
C ILE B 187 -10.39 19.73 -12.38
N GLU B 188 -10.74 20.98 -12.69
CA GLU B 188 -11.36 21.32 -13.95
C GLU B 188 -10.44 21.01 -15.13
N ALA B 189 -9.18 21.41 -15.05
CA ALA B 189 -8.24 21.16 -16.15
C ALA B 189 -8.05 19.67 -16.36
N ALA B 190 -8.02 18.89 -15.29
CA ALA B 190 -7.94 17.44 -15.46
C ALA B 190 -9.16 16.92 -16.22
N PHE B 191 -10.36 17.39 -15.88
CA PHE B 191 -11.56 16.91 -16.56
C PHE B 191 -11.59 17.34 -18.02
N ARG B 192 -11.11 18.56 -18.32
CA ARG B 192 -11.06 18.96 -19.72
C ARG B 192 -10.08 18.08 -20.50
N ALA B 193 -8.87 17.88 -19.97
CA ALA B 193 -7.88 17.09 -20.69
C ALA B 193 -8.34 15.66 -20.90
N ALA B 194 -9.11 15.10 -19.97
CA ALA B 194 -9.53 13.72 -20.17
C ALA B 194 -10.71 13.63 -21.11
N ARG B 195 -11.55 14.66 -21.21
CA ARG B 195 -12.62 14.64 -22.22
C ARG B 195 -12.04 14.59 -23.63
N SER B 196 -11.10 15.47 -23.94
CA SER B 196 -10.43 15.46 -25.24
C SER B 196 -9.82 14.10 -25.52
N ALA B 197 -9.08 13.55 -24.54
CA ALA B 197 -8.41 12.28 -24.72
C ALA B 197 -9.38 11.15 -25.07
N ASP B 198 -10.49 11.05 -24.35
CA ASP B 198 -11.48 9.99 -24.58
C ASP B 198 -12.86 10.59 -24.33
N PRO B 199 -13.57 10.96 -25.40
CA PRO B 199 -14.94 11.45 -25.21
C PRO B 199 -15.95 10.33 -25.03
N GLY B 200 -15.61 9.08 -25.35
CA GLY B 200 -16.56 8.02 -25.12
C GLY B 200 -16.80 7.77 -23.64
N ALA B 201 -15.83 8.11 -22.80
CA ALA B 201 -15.85 7.68 -21.41
C ALA B 201 -16.65 8.64 -20.53
N LYS B 202 -17.33 8.06 -19.53
CA LYS B 202 -17.93 8.84 -18.44
C LYS B 202 -16.83 9.28 -17.47
N LEU B 203 -16.72 10.58 -17.27
CA LEU B 203 -15.70 11.15 -16.40
C LEU B 203 -16.28 11.34 -14.99
N CYS B 204 -15.66 10.71 -14.00
CA CYS B 204 -16.12 10.71 -12.61
C CYS B 204 -15.15 11.51 -11.74
N TYR B 205 -15.74 12.15 -10.72
CA TYR B 205 -15.02 12.53 -9.52
C TYR B 205 -15.31 11.49 -8.44
N ASN B 206 -14.26 10.94 -7.84
CA ASN B 206 -14.37 9.83 -6.89
C ASN B 206 -13.79 10.25 -5.55
N ASP B 207 -14.46 9.88 -4.44
CA ASP B 207 -14.03 10.27 -3.10
C ASP B 207 -14.69 9.41 -2.02
N TYR B 208 -14.07 9.38 -0.85
CA TYR B 208 -14.57 8.68 0.34
C TYR B 208 -15.04 9.69 1.40
N ASN B 209 -15.64 9.16 2.48
CA ASN B 209 -16.27 9.97 3.54
C ASN B 209 -17.23 10.99 2.96
N THR B 210 -18.00 10.55 1.99
CA THR B 210 -18.92 11.41 1.25
C THR B 210 -20.27 10.73 1.15
N ASP B 211 -20.48 9.72 1.99
CA ASP B 211 -21.57 8.78 1.83
C ASP B 211 -22.90 9.38 2.30
N GLY B 212 -22.91 9.97 3.50
CA GLY B 212 -24.05 10.76 3.95
C GLY B 212 -23.97 12.21 3.52
N VAL B 213 -24.66 13.08 4.26
CA VAL B 213 -24.63 14.54 4.02
C VAL B 213 -23.67 15.15 5.04
N ASN B 214 -22.45 15.46 4.59
CA ASN B 214 -21.35 15.92 5.43
C ASN B 214 -20.94 17.34 5.03
N ALA B 215 -20.09 17.95 5.86
CA ALA B 215 -19.29 19.05 5.34
C ALA B 215 -18.53 18.63 4.08
N LYS B 216 -18.10 17.37 4.00
CA LYS B 216 -17.27 16.93 2.87
C LYS B 216 -18.10 16.68 1.62
N SER B 217 -19.15 15.84 1.72
CA SER B 217 -19.95 15.58 0.53
C SER B 217 -20.58 16.86 0.00
N THR B 218 -20.95 17.79 0.89
CA THR B 218 -21.44 19.10 0.46
C THR B 218 -20.33 19.96 -0.16
N GLY B 219 -19.06 19.71 0.18
CA GLY B 219 -17.98 20.39 -0.51
C GLY B 219 -17.85 19.93 -1.95
N VAL B 220 -17.84 18.61 -2.15
CA VAL B 220 -17.88 18.01 -3.49
C VAL B 220 -19.12 18.47 -4.24
N TYR B 221 -20.29 18.45 -3.57
CA TYR B 221 -21.55 18.84 -4.20
C TYR B 221 -21.46 20.23 -4.79
N ASN B 222 -20.96 21.20 -4.01
CA ASN B 222 -20.76 22.57 -4.51
C ASN B 222 -19.88 22.59 -5.74
N MET B 223 -18.85 21.74 -5.77
CA MET B 223 -17.93 21.70 -6.90
C MET B 223 -18.63 21.17 -8.14
N VAL B 224 -19.31 20.03 -8.02
CA VAL B 224 -20.05 19.48 -9.16
C VAL B 224 -21.09 20.46 -9.63
N ARG B 225 -21.79 21.10 -8.68
CA ARG B 225 -22.80 22.10 -9.02
C ARG B 225 -22.19 23.25 -9.81
N ASP B 226 -21.04 23.78 -9.36
CA ASP B 226 -20.36 24.80 -10.16
C ASP B 226 -19.90 24.24 -11.50
N PHE B 227 -19.39 23.01 -11.51
CA PHE B 227 -19.01 22.38 -12.77
C PHE B 227 -20.21 22.28 -13.71
N LYS B 228 -21.33 21.74 -13.21
CA LYS B 228 -22.51 21.60 -14.05
C LYS B 228 -23.03 22.95 -14.51
N ALA B 229 -22.88 23.97 -13.70
CA ALA B 229 -23.35 25.28 -14.11
C ALA B 229 -22.58 25.80 -15.32
N ARG B 230 -21.26 25.63 -15.31
CA ARG B 230 -20.44 26.26 -16.35
C ARG B 230 -20.00 25.31 -17.47
N GLY B 231 -20.56 24.10 -17.53
CA GLY B 231 -20.24 23.21 -18.62
C GLY B 231 -18.90 22.51 -18.50
N VAL B 232 -18.32 22.48 -17.30
CA VAL B 232 -17.13 21.64 -17.10
C VAL B 232 -17.48 20.19 -17.43
N PRO B 233 -16.68 19.47 -18.20
CA PRO B 233 -17.09 18.11 -18.59
C PRO B 233 -16.96 17.11 -17.45
N ILE B 234 -18.03 16.89 -16.69
CA ILE B 234 -18.06 15.88 -15.63
C ILE B 234 -19.37 15.11 -15.73
N ASP B 235 -19.28 13.79 -15.74
CA ASP B 235 -20.41 12.91 -16.01
C ASP B 235 -20.94 12.23 -14.76
N CYS B 236 -20.07 11.67 -13.93
CA CYS B 236 -20.50 10.91 -12.76
C CYS B 236 -19.79 11.42 -11.51
N VAL B 237 -20.33 11.02 -10.36
CA VAL B 237 -19.66 11.21 -9.08
C VAL B 237 -19.56 9.84 -8.43
N GLY B 238 -18.36 9.51 -7.95
CA GLY B 238 -18.08 8.21 -7.39
C GLY B 238 -18.03 8.31 -5.88
N PHE B 239 -18.83 7.47 -5.24
CA PHE B 239 -18.88 7.40 -3.79
C PHE B 239 -18.19 6.11 -3.39
N GLN B 240 -16.91 6.23 -3.01
CA GLN B 240 -16.13 5.08 -2.59
C GLN B 240 -16.90 4.17 -1.65
N SER B 241 -17.44 4.72 -0.56
CA SER B 241 -18.23 3.94 0.41
C SER B 241 -17.36 2.90 1.10
N HIS B 242 -16.23 3.33 1.63
CA HIS B 242 -15.52 2.48 2.57
C HIS B 242 -16.20 2.66 3.92
N LEU B 243 -17.23 1.88 4.18
CA LEU B 243 -18.03 2.08 5.38
C LEU B 243 -17.41 1.38 6.60
N GLY B 244 -17.94 1.75 7.77
CA GLY B 244 -17.76 0.94 8.96
C GLY B 244 -18.84 -0.09 9.03
N THR B 245 -19.54 -0.16 10.15
CA THR B 245 -20.53 -1.23 10.34
C THR B 245 -21.91 -0.81 9.89
N THR B 246 -22.10 0.41 9.43
CA THR B 246 -23.48 0.85 9.26
C THR B 246 -23.59 1.91 8.18
N VAL B 247 -24.77 1.99 7.58
CA VAL B 247 -25.04 2.88 6.46
C VAL B 247 -25.71 4.15 6.99
N PRO B 248 -25.26 5.33 6.59
CA PRO B 248 -25.93 6.54 7.05
C PRO B 248 -27.39 6.55 6.64
N SER B 249 -28.23 7.16 7.49
CA SER B 249 -29.65 7.24 7.22
C SER B 249 -29.95 8.05 5.95
N ASP B 250 -29.15 9.08 5.68
CA ASP B 250 -29.29 9.91 4.50
C ASP B 250 -28.38 9.45 3.36
N TYR B 251 -27.96 8.17 3.38
CA TYR B 251 -27.13 7.66 2.29
C TYR B 251 -27.79 7.92 0.94
N GLN B 252 -29.10 7.65 0.86
CA GLN B 252 -29.83 7.83 -0.38
C GLN B 252 -30.18 9.28 -0.66
N ALA B 253 -30.40 10.10 0.37
CA ALA B 253 -30.64 11.51 0.11
C ALA B 253 -29.42 12.17 -0.49
N ASN B 254 -28.23 11.71 -0.09
CA ASN B 254 -27.00 12.25 -0.64
C ASN B 254 -26.81 11.83 -2.11
N LEU B 255 -27.04 10.54 -2.41
CA LEU B 255 -26.97 10.10 -3.80
C LEU B 255 -27.93 10.88 -4.68
N GLN B 256 -29.19 11.04 -4.21
CA GLN B 256 -30.24 11.75 -4.96
C GLN B 256 -29.88 13.19 -5.23
N ARG B 257 -29.37 13.91 -4.23
CA ARG B 257 -29.05 15.32 -4.47
C ARG B 257 -28.02 15.48 -5.58
N PHE B 258 -27.14 14.50 -5.77
CA PHE B 258 -26.15 14.55 -6.84
C PHE B 258 -26.76 14.16 -8.17
N ALA B 259 -27.57 13.10 -8.19
CA ALA B 259 -28.24 12.72 -9.42
C ALA B 259 -29.10 13.87 -9.96
N ASP B 260 -29.67 14.70 -9.08
CA ASP B 260 -30.41 15.87 -9.52
C ASP B 260 -29.51 16.95 -10.11
N LEU B 261 -28.22 16.93 -9.84
CA LEU B 261 -27.42 17.88 -10.60
C LEU B 261 -27.22 17.45 -12.04
N GLY B 262 -27.76 16.33 -12.47
CA GLY B 262 -27.54 15.87 -13.83
C GLY B 262 -26.24 15.14 -14.01
N VAL B 263 -25.80 14.40 -13.01
CA VAL B 263 -24.69 13.47 -13.12
C VAL B 263 -25.18 12.11 -12.68
N ASP B 264 -24.56 11.08 -13.21
CA ASP B 264 -24.81 9.75 -12.67
C ASP B 264 -24.05 9.60 -11.36
N VAL B 265 -24.50 8.66 -10.52
CA VAL B 265 -23.80 8.36 -9.28
C VAL B 265 -23.40 6.89 -9.27
N GLN B 266 -22.15 6.65 -8.89
CA GLN B 266 -21.63 5.29 -8.82
C GLN B 266 -21.06 5.06 -7.43
N ILE B 267 -21.28 3.86 -6.92
CA ILE B 267 -20.65 3.41 -5.70
C ILE B 267 -19.45 2.58 -6.12
N THR B 268 -18.26 3.12 -5.89
CA THR B 268 -17.07 2.71 -6.61
C THR B 268 -16.14 1.77 -5.84
N GLU B 269 -16.04 1.86 -4.52
CA GLU B 269 -15.07 1.05 -3.77
C GLU B 269 -15.70 0.57 -2.46
N LEU B 270 -16.77 -0.22 -2.59
CA LEU B 270 -17.59 -0.57 -1.44
C LEU B 270 -16.96 -1.68 -0.61
N ASP B 271 -16.80 -1.43 0.69
CA ASP B 271 -16.56 -2.49 1.67
C ASP B 271 -17.12 -2.01 3.01
N ILE B 272 -17.59 -2.97 3.80
CA ILE B 272 -18.33 -2.71 5.02
C ILE B 272 -17.76 -3.60 6.11
N GLN B 273 -17.30 -3.01 7.22
CA GLN B 273 -16.74 -3.78 8.33
C GLN B 273 -17.74 -4.85 8.77
N GLN B 274 -17.21 -6.03 9.13
CA GLN B 274 -17.98 -7.22 9.49
C GLN B 274 -18.76 -7.01 10.78
N GLY B 275 -19.77 -7.83 10.99
CA GLY B 275 -20.57 -7.67 12.17
C GLY B 275 -21.95 -8.25 11.99
N SER B 276 -22.78 -8.05 13.00
CA SER B 276 -24.15 -8.50 12.88
C SER B 276 -24.98 -7.64 11.94
N ASN B 277 -24.48 -6.47 11.56
CA ASN B 277 -25.20 -5.57 10.66
C ASN B 277 -24.62 -5.57 9.24
N GLN B 278 -23.64 -6.43 8.96
CA GLN B 278 -22.98 -6.37 7.66
C GLN B 278 -23.96 -6.63 6.53
N ALA B 279 -24.66 -7.78 6.58
CA ALA B 279 -25.62 -8.10 5.53
C ALA B 279 -26.67 -7.01 5.38
N ASN B 280 -27.15 -6.47 6.50
CA ASN B 280 -28.08 -5.34 6.46
C ASN B 280 -27.48 -4.15 5.73
N ALA B 281 -26.24 -3.79 6.09
CA ALA B 281 -25.63 -2.62 5.47
C ALA B 281 -25.49 -2.78 3.97
N TYR B 282 -25.19 -4.00 3.50
CA TYR B 282 -25.09 -4.22 2.07
C TYR B 282 -26.46 -4.13 1.41
N ARG B 283 -27.43 -4.87 1.95
CA ARG B 283 -28.80 -4.76 1.47
C ARG B 283 -29.26 -3.30 1.42
N GLN B 284 -28.84 -2.49 2.39
CA GLN B 284 -29.26 -1.09 2.40
C GLN B 284 -28.59 -0.28 1.30
N VAL B 285 -27.27 -0.44 1.10
CA VAL B 285 -26.59 0.29 0.05
C VAL B 285 -27.16 -0.03 -1.31
N VAL B 286 -27.50 -1.30 -1.54
CA VAL B 286 -28.06 -1.71 -2.83
C VAL B 286 -29.41 -1.05 -3.06
N GLN B 287 -30.30 -1.04 -2.06
CA GLN B 287 -31.60 -0.40 -2.21
C GLN B 287 -31.50 1.10 -2.31
N ALA B 288 -30.50 1.69 -1.65
CA ALA B 288 -30.23 3.11 -1.83
C ALA B 288 -29.94 3.42 -3.29
N CYS B 289 -29.20 2.55 -3.96
CA CYS B 289 -28.86 2.80 -5.35
C CYS B 289 -30.03 2.49 -6.28
N LEU B 290 -30.75 1.40 -6.04
CA LEU B 290 -31.91 1.09 -6.88
C LEU B 290 -32.98 2.18 -6.78
N ALA B 291 -33.13 2.78 -5.59
CA ALA B 291 -34.12 3.84 -5.44
C ALA B 291 -33.68 5.16 -6.04
N VAL B 292 -32.47 5.27 -6.57
CA VAL B 292 -32.00 6.49 -7.21
C VAL B 292 -31.80 6.18 -8.69
N SER B 293 -32.55 6.88 -9.55
CA SER B 293 -32.69 6.42 -10.93
C SER B 293 -31.40 6.61 -11.71
N ARG B 294 -30.63 7.65 -11.41
CA ARG B 294 -29.34 7.84 -12.08
C ARG B 294 -28.17 7.17 -11.37
N CYS B 295 -28.40 6.04 -10.68
CA CYS B 295 -27.34 5.32 -10.00
C CYS B 295 -27.01 4.11 -10.86
N THR B 296 -25.90 4.21 -11.60
CA THR B 296 -25.59 3.26 -12.66
C THR B 296 -25.02 1.94 -12.14
N GLY B 297 -24.44 1.90 -10.94
CA GLY B 297 -24.09 0.60 -10.38
C GLY B 297 -23.17 0.68 -9.19
N ILE B 298 -22.77 -0.51 -8.74
CA ILE B 298 -21.99 -0.72 -7.52
C ILE B 298 -20.75 -1.55 -7.81
N THR B 299 -19.58 -1.09 -7.34
CA THR B 299 -18.36 -1.90 -7.30
C THR B 299 -17.94 -2.09 -5.85
N VAL B 300 -17.71 -3.38 -5.45
CA VAL B 300 -17.13 -3.72 -4.14
C VAL B 300 -15.61 -3.85 -4.30
N TRP B 301 -14.87 -3.41 -3.29
CA TRP B 301 -13.42 -3.27 -3.44
C TRP B 301 -12.72 -4.58 -3.07
N GLY B 302 -12.93 -5.60 -3.92
CA GLY B 302 -12.25 -6.87 -3.79
C GLY B 302 -13.13 -8.12 -3.82
N VAL B 303 -12.52 -9.28 -4.05
CA VAL B 303 -13.25 -10.52 -4.22
C VAL B 303 -13.55 -11.15 -2.86
N ARG B 304 -12.51 -11.66 -2.21
CA ARG B 304 -12.64 -12.38 -0.95
C ARG B 304 -12.09 -11.55 0.20
N ASP B 305 -12.73 -11.68 1.37
CA ASP B 305 -12.24 -11.05 2.59
C ASP B 305 -10.72 -11.09 2.64
N THR B 306 -10.13 -12.26 2.37
CA THR B 306 -8.68 -12.41 2.38
C THR B 306 -7.96 -11.64 1.29
N ASP B 307 -8.67 -11.05 0.33
CA ASP B 307 -7.99 -10.19 -0.64
C ASP B 307 -8.03 -8.73 -0.22
N SER B 308 -8.84 -8.39 0.78
CA SER B 308 -9.13 -7.00 1.09
C SER B 308 -7.92 -6.24 1.60
N TRP B 309 -7.79 -5.00 1.14
CA TRP B 309 -6.80 -4.09 1.70
C TRP B 309 -7.03 -3.86 3.19
N ARG B 310 -8.28 -3.87 3.64
CA ARG B 310 -8.60 -3.73 5.07
C ARG B 310 -8.50 -5.09 5.73
N THR B 311 -7.24 -5.47 6.04
CA THR B 311 -6.96 -6.77 6.61
C THR B 311 -7.61 -6.91 7.99
N GLY B 312 -8.31 -8.03 8.20
CA GLY B 312 -9.01 -8.29 9.43
C GLY B 312 -10.45 -7.81 9.47
N ALA B 313 -10.86 -6.94 8.54
CA ALA B 313 -12.21 -6.39 8.63
C ALA B 313 -13.27 -7.31 8.05
N ASN B 314 -12.87 -8.31 7.25
CA ASN B 314 -13.75 -9.20 6.49
C ASN B 314 -14.93 -8.42 5.84
N PRO B 315 -14.62 -7.49 4.95
CA PRO B 315 -15.63 -6.49 4.60
C PRO B 315 -16.28 -6.75 3.27
N LEU B 316 -16.18 -7.98 2.76
CA LEU B 316 -16.52 -8.29 1.37
C LEU B 316 -17.60 -9.37 1.29
N LEU B 317 -17.94 -9.74 0.07
CA LEU B 317 -19.05 -10.65 -0.18
C LEU B 317 -18.66 -12.12 -0.14
N PHE B 318 -17.37 -12.46 -0.22
CA PHE B 318 -16.90 -13.85 -0.23
C PHE B 318 -15.86 -14.05 0.87
N ASP B 319 -15.87 -15.24 1.47
CA ASP B 319 -14.88 -15.55 2.50
C ASP B 319 -13.63 -16.16 1.87
N GLY B 320 -12.60 -16.34 2.68
CA GLY B 320 -11.31 -16.72 2.15
C GLY B 320 -11.33 -17.96 1.27
N SER B 321 -12.21 -18.91 1.58
CA SER B 321 -12.31 -20.12 0.78
C SER B 321 -13.30 -19.97 -0.39
N GLY B 322 -13.59 -18.74 -0.82
CA GLY B 322 -14.41 -18.50 -1.99
C GLY B 322 -15.91 -18.55 -1.78
N ASN B 323 -16.39 -18.93 -0.59
CA ASN B 323 -17.81 -19.12 -0.39
C ASN B 323 -18.59 -17.81 -0.30
N LYS B 324 -19.86 -17.88 -0.69
CA LYS B 324 -20.76 -16.76 -0.53
C LYS B 324 -21.10 -16.57 0.94
N LYS B 325 -20.88 -15.36 1.45
CA LYS B 325 -21.26 -14.95 2.79
C LYS B 325 -22.74 -14.52 2.83
N ALA B 326 -23.25 -14.34 4.05
CA ALA B 326 -24.61 -13.82 4.19
C ALA B 326 -24.79 -12.50 3.42
N ALA B 327 -23.75 -11.66 3.37
CA ALA B 327 -23.86 -10.39 2.66
C ALA B 327 -24.06 -10.57 1.16
N TYR B 328 -23.52 -11.66 0.58
CA TYR B 328 -23.82 -11.97 -0.83
C TYR B 328 -25.31 -12.19 -1.04
N ALA B 329 -25.92 -13.06 -0.20
CA ALA B 329 -27.36 -13.30 -0.29
C ALA B 329 -28.15 -12.00 -0.13
N ALA B 330 -27.74 -11.16 0.82
CA ALA B 330 -28.45 -9.90 1.04
C ALA B 330 -28.44 -9.02 -0.21
N VAL B 331 -27.30 -8.96 -0.90
CA VAL B 331 -27.24 -8.16 -2.12
C VAL B 331 -28.09 -8.80 -3.22
N LEU B 332 -28.07 -10.14 -3.31
CA LEU B 332 -28.82 -10.81 -4.37
C LEU B 332 -30.33 -10.63 -4.21
N GLU B 333 -30.85 -10.69 -2.97
CA GLU B 333 -32.27 -10.41 -2.78
C GLU B 333 -32.58 -8.96 -3.14
N ALA B 334 -31.80 -8.03 -2.61
CA ALA B 334 -32.09 -6.61 -2.82
C ALA B 334 -32.11 -6.26 -4.30
N LEU B 335 -31.30 -6.95 -5.12
CA LEU B 335 -31.33 -6.74 -6.56
C LEU B 335 -32.54 -7.36 -7.23
N ASN B 336 -33.19 -8.33 -6.58
CA ASN B 336 -34.31 -9.08 -7.16
C ASN B 336 -35.67 -8.68 -6.62
N ALA B 337 -35.75 -8.22 -5.38
CA ALA B 337 -37.03 -7.98 -4.70
C ALA B 337 -37.97 -7.08 -5.49
#